data_7LUK
#
_entry.id   7LUK
#
_cell.length_a   62.216
_cell.length_b   62.216
_cell.length_c   156.580
_cell.angle_alpha   90.00
_cell.angle_beta   90.00
_cell.angle_gamma   90.00
#
_symmetry.space_group_name_H-M   'P 41 21 2'
#
loop_
_entity.id
_entity.type
_entity.pdbx_description
1 polymer 'Nuclear receptor ROR-gamma'
2 non-polymer (2S)-N-[(6aS,7R,9aS)-9a-[(4-fluorophenyl)sulfonyl]-3-(1,1,1,2,3,3,3-heptafluoropropan-2-yl)-6,6a,7,8,9,9a-hexahydro-5H-cyclopenta[f]quinolin-7-yl]-2-hydroxy-2-methyl-3-(methylsulfonyl)propanamide
3 water water
#
_entity_poly.entity_id   1
_entity_poly.type   'polypeptide(L)'
_entity_poly.pdbx_seq_one_letter_code
;MGSSHHHHHHSSGLVPRGSHMASLTEIEHLVQSVCKSYRETCQLRLEDLLRQRSNIFSREEVTGYQRKSMWEMWERCAHH
LTEAIQYVVEFAKRLSGFMELCQNDQIVLLKAGAMEVVLVRMCRAYNADNRTVFFEGKYGGMELFRALGCSELISSIFDF
SHSLSALHFSEDEIALYTALVLINAHRPGLQEKRKVEQLQYNLELAFHHHLCKTHRQSILAKLPPKGKLRSLCSQHVERL
QIFQHLHPIVVQAAFPPLYKELFSTSGGSGGLTERHKILHRLLQE
;
_entity_poly.pdbx_strand_id   A
#
loop_
_chem_comp.id
_chem_comp.type
_chem_comp.name
_chem_comp.formula
YDY non-polymer (2S)-N-[(6aS,7R,9aS)-9a-[(4-fluorophenyl)sulfonyl]-3-(1,1,1,2,3,3,3-heptafluoropropan-2-yl)-6,6a,7,8,9,9a-hexahydro-5H-cyclopenta[f]quinolin-7-yl]-2-hydroxy-2-methyl-3-(methylsulfonyl)propanamide 'C26 H26 F8 N2 O6 S2'
#
# COMPACT_ATOMS: atom_id res chain seq x y z
N MET A 21 28.37 0.92 -12.31
CA MET A 21 27.83 2.20 -12.80
C MET A 21 26.74 2.74 -11.91
N ALA A 22 27.04 3.91 -11.29
CA ALA A 22 26.24 4.77 -10.40
C ALA A 22 27.09 5.13 -9.20
N SER A 23 27.66 6.35 -9.21
CA SER A 23 28.51 6.89 -8.14
C SER A 23 27.69 7.33 -6.90
N LEU A 24 28.36 7.70 -5.81
CA LEU A 24 27.71 8.11 -4.59
C LEU A 24 26.77 9.32 -4.72
N THR A 25 27.16 10.31 -5.51
CA THR A 25 26.37 11.52 -5.70
C THR A 25 25.07 11.22 -6.50
N GLU A 26 25.11 10.17 -7.38
CA GLU A 26 23.95 9.71 -8.14
C GLU A 26 23.00 8.91 -7.20
N ILE A 27 23.55 8.10 -6.28
CA ILE A 27 22.78 7.35 -5.29
C ILE A 27 22.06 8.34 -4.37
N GLU A 28 22.77 9.37 -3.88
CA GLU A 28 22.16 10.39 -3.03
C GLU A 28 21.04 11.15 -3.76
N HIS A 29 21.19 11.34 -5.08
CA HIS A 29 20.22 12.05 -5.90
C HIS A 29 18.94 11.21 -6.07
N LEU A 30 19.09 9.89 -6.18
CA LEU A 30 17.99 8.95 -6.28
C LEU A 30 17.22 8.93 -4.96
N VAL A 31 17.91 8.95 -3.81
CA VAL A 31 17.28 9.02 -2.48
C VAL A 31 16.29 10.22 -2.41
N GLN A 32 16.78 11.43 -2.74
CA GLN A 32 15.96 12.63 -2.67
C GLN A 32 14.87 12.67 -3.71
N SER A 33 15.11 12.07 -4.87
CA SER A 33 14.11 12.02 -5.91
C SER A 33 12.94 11.13 -5.44
N VAL A 34 13.24 9.96 -4.84
CA VAL A 34 12.23 9.02 -4.34
C VAL A 34 11.44 9.66 -3.18
N CYS A 35 12.14 10.38 -2.30
CA CYS A 35 11.49 11.02 -1.17
C CYS A 35 10.52 12.09 -1.58
N LYS A 36 10.88 12.86 -2.59
CA LYS A 36 10.04 13.92 -3.12
C LYS A 36 8.80 13.33 -3.74
N SER A 37 8.94 12.30 -4.61
CA SER A 37 7.84 11.62 -5.29
C SER A 37 6.86 11.03 -4.30
N TYR A 38 7.38 10.47 -3.20
CA TYR A 38 6.55 9.96 -2.14
C TYR A 38 5.76 11.10 -1.49
N ARG A 39 6.42 12.22 -1.11
CA ARG A 39 5.76 13.37 -0.46
C ARG A 39 4.63 13.94 -1.33
N GLU A 40 4.87 14.03 -2.63
CA GLU A 40 3.90 14.56 -3.58
C GLU A 40 2.72 13.62 -3.92
N THR A 41 2.82 12.33 -3.59
CA THR A 41 1.77 11.37 -3.87
C THR A 41 1.16 10.75 -2.61
N CYS A 42 1.31 11.43 -1.46
CA CYS A 42 0.71 10.97 -0.22
C CYS A 42 -0.76 11.33 -0.18
N GLN A 43 -1.60 10.41 0.30
CA GLN A 43 -3.03 10.64 0.34
C GLN A 43 -3.34 11.81 1.32
N LEU A 44 -2.77 11.74 2.52
CA LEU A 44 -2.86 12.75 3.56
C LEU A 44 -1.44 13.00 4.13
N ARG A 45 -1.20 14.20 4.69
CA ARG A 45 0.10 14.49 5.28
C ARG A 45 0.23 13.78 6.62
N LEU A 46 1.46 13.45 7.02
CA LEU A 46 1.70 12.77 8.29
C LEU A 46 1.22 13.59 9.47
N GLU A 47 1.46 14.91 9.47
CA GLU A 47 1.03 15.76 10.58
C GLU A 47 -0.48 15.88 10.70
N ASP A 48 -1.19 15.79 9.57
CA ASP A 48 -2.67 15.80 9.57
C ASP A 48 -3.16 14.55 10.31
N LEU A 49 -2.54 13.39 10.05
CA LEU A 49 -2.88 12.11 10.65
C LEU A 49 -2.56 12.07 12.14
N LEU A 50 -1.47 12.73 12.55
CA LEU A 50 -1.07 12.76 13.95
C LEU A 50 -1.95 13.72 14.72
N ARG A 51 -2.31 14.87 14.13
CA ARG A 51 -3.19 15.87 14.76
C ARG A 51 -4.65 15.41 14.97
N GLN A 52 -5.04 14.27 14.35
CA GLN A 52 -6.37 13.69 14.44
C GLN A 52 -6.47 12.50 15.41
N ARG A 53 -5.35 12.11 16.06
CA ARG A 53 -5.30 10.92 16.93
C ARG A 53 -6.31 10.87 18.08
N SER A 54 -6.81 12.04 18.54
CA SER A 54 -7.82 12.07 19.61
C SER A 54 -9.26 11.95 19.12
N ASN A 55 -9.48 12.06 17.82
CA ASN A 55 -10.78 11.95 17.17
C ASN A 55 -11.00 10.45 16.93
N ILE A 56 -11.64 9.80 17.90
CA ILE A 56 -11.90 8.37 17.88
C ILE A 56 -13.41 8.09 17.78
N PHE A 57 -13.81 7.09 17.00
CA PHE A 57 -15.22 6.71 16.87
C PHE A 57 -15.80 6.25 18.20
N SER A 58 -16.97 6.79 18.55
CA SER A 58 -17.67 6.41 19.79
C SER A 58 -18.22 4.98 19.68
N ARG A 59 -18.61 4.35 20.80
CA ARG A 59 -19.18 2.99 20.77
C ARG A 59 -20.43 2.94 19.87
N GLU A 60 -21.21 4.04 19.84
CA GLU A 60 -22.42 4.14 19.02
C GLU A 60 -22.04 4.13 17.55
N GLU A 61 -21.04 4.95 17.17
CA GLU A 61 -20.58 5.02 15.80
C GLU A 61 -20.02 3.68 15.33
N VAL A 62 -19.28 2.99 16.20
CA VAL A 62 -18.73 1.66 15.91
C VAL A 62 -19.87 0.67 15.61
N THR A 63 -20.91 0.69 16.45
CA THR A 63 -22.10 -0.16 16.32
C THR A 63 -22.78 0.04 14.96
N GLY A 64 -22.86 1.29 14.51
CA GLY A 64 -23.43 1.64 13.22
C GLY A 64 -22.69 1.00 12.06
N TYR A 65 -21.35 0.90 12.16
CA TYR A 65 -20.54 0.26 11.12
C TYR A 65 -20.76 -1.23 11.08
N GLN A 66 -20.83 -1.85 12.27
CA GLN A 66 -21.06 -3.30 12.43
C GLN A 66 -22.44 -3.70 11.94
N ARG A 67 -23.44 -2.82 12.16
CA ARG A 67 -24.81 -3.07 11.72
C ARG A 67 -25.05 -2.79 10.24
N LYS A 68 -24.04 -2.31 9.49
CA LYS A 68 -24.19 -2.11 8.05
C LYS A 68 -24.20 -3.47 7.37
N SER A 69 -24.85 -3.57 6.19
CA SER A 69 -24.87 -4.86 5.51
C SER A 69 -23.49 -5.18 4.97
N MET A 70 -23.20 -6.47 4.82
CA MET A 70 -21.92 -6.92 4.32
C MET A 70 -21.58 -6.32 2.95
N TRP A 71 -22.57 -6.26 2.04
CA TRP A 71 -22.32 -5.74 0.71
C TRP A 71 -22.02 -4.23 0.73
N GLU A 72 -22.59 -3.50 1.68
CA GLU A 72 -22.37 -2.07 1.79
C GLU A 72 -21.01 -1.74 2.32
N MET A 73 -20.54 -2.50 3.32
CA MET A 73 -19.20 -2.27 3.85
C MET A 73 -18.15 -2.71 2.84
N TRP A 74 -18.41 -3.77 2.06
CA TRP A 74 -17.47 -4.21 1.04
C TRP A 74 -17.27 -3.16 -0.02
N GLU A 75 -18.36 -2.57 -0.49
CA GLU A 75 -18.30 -1.53 -1.50
C GLU A 75 -17.62 -0.24 -0.96
N ARG A 76 -17.89 0.14 0.30
CA ARG A 76 -17.25 1.31 0.89
C ARG A 76 -15.74 1.09 0.99
N CYS A 77 -15.32 -0.10 1.42
CA CYS A 77 -13.92 -0.42 1.55
C CYS A 77 -13.23 -0.56 0.21
N ALA A 78 -13.86 -1.18 -0.79
CA ALA A 78 -13.29 -1.31 -2.11
C ALA A 78 -13.11 0.07 -2.77
N HIS A 79 -14.02 1.01 -2.48
CA HIS A 79 -13.88 2.37 -2.96
C HIS A 79 -12.66 3.07 -2.28
N HIS A 80 -12.47 2.87 -0.96
CA HIS A 80 -11.36 3.46 -0.25
C HIS A 80 -10.06 2.92 -0.75
N LEU A 81 -9.99 1.58 -0.97
CA LEU A 81 -8.79 0.92 -1.48
C LEU A 81 -8.47 1.44 -2.88
N THR A 82 -9.50 1.61 -3.72
CA THR A 82 -9.33 2.15 -5.07
C THR A 82 -8.73 3.55 -5.04
N GLU A 83 -9.22 4.43 -4.16
CA GLU A 83 -8.71 5.80 -4.02
C GLU A 83 -7.24 5.76 -3.63
N ALA A 84 -6.87 4.90 -2.67
CA ALA A 84 -5.50 4.77 -2.18
C ALA A 84 -4.58 4.19 -3.28
N ILE A 85 -5.05 3.23 -4.07
CA ILE A 85 -4.27 2.67 -5.17
C ILE A 85 -3.99 3.74 -6.25
N GLN A 86 -4.92 4.69 -6.44
CA GLN A 86 -4.75 5.74 -7.41
C GLN A 86 -3.51 6.61 -7.10
N TYR A 87 -3.21 6.80 -5.80
CA TYR A 87 -2.02 7.53 -5.35
C TYR A 87 -0.74 6.72 -5.59
N VAL A 88 -0.83 5.38 -5.47
CA VAL A 88 0.30 4.49 -5.72
C VAL A 88 0.65 4.54 -7.23
N VAL A 89 -0.35 4.63 -8.11
CA VAL A 89 -0.11 4.75 -9.55
C VAL A 89 0.69 6.03 -9.84
N GLU A 90 0.28 7.15 -9.20
CA GLU A 90 0.97 8.44 -9.32
C GLU A 90 2.39 8.38 -8.79
N PHE A 91 2.62 7.72 -7.65
CA PHE A 91 3.94 7.54 -7.05
C PHE A 91 4.83 6.78 -8.04
N ALA A 92 4.30 5.67 -8.62
CA ALA A 92 5.01 4.85 -9.59
C ALA A 92 5.39 5.65 -10.82
N LYS A 93 4.49 6.50 -11.32
CA LYS A 93 4.76 7.31 -12.49
C LYS A 93 5.84 8.37 -12.26
N ARG A 94 6.07 8.77 -11.00
CA ARG A 94 7.10 9.73 -10.65
C ARG A 94 8.48 9.09 -10.38
N LEU A 95 8.49 7.78 -10.16
CA LEU A 95 9.67 6.99 -9.89
C LEU A 95 10.54 6.88 -11.14
N SER A 96 11.83 7.22 -11.02
CA SER A 96 12.75 7.17 -12.16
C SER A 96 12.85 5.77 -12.75
N GLY A 97 12.65 5.66 -14.06
CA GLY A 97 12.77 4.38 -14.73
C GLY A 97 11.45 3.73 -15.00
N PHE A 98 10.45 3.95 -14.13
CA PHE A 98 9.15 3.32 -14.31
C PHE A 98 8.49 3.66 -15.63
N MET A 99 8.45 4.94 -16.02
CA MET A 99 7.81 5.31 -17.29
C MET A 99 8.60 4.87 -18.52
N GLU A 100 9.91 4.65 -18.37
CA GLU A 100 10.78 4.15 -19.42
C GLU A 100 10.37 2.71 -19.79
N LEU A 101 10.13 1.83 -18.76
CA LEU A 101 9.72 0.42 -18.88
C LEU A 101 8.53 0.24 -19.82
N CYS A 102 8.38 -0.96 -20.42
CA CYS A 102 7.24 -1.21 -21.30
C CYS A 102 5.92 -1.25 -20.53
N GLN A 103 4.80 -0.98 -21.24
CA GLN A 103 3.46 -0.96 -20.67
C GLN A 103 3.10 -2.25 -19.96
N ASN A 104 3.49 -3.40 -20.54
CA ASN A 104 3.23 -4.71 -19.94
C ASN A 104 3.92 -4.80 -18.56
N ASP A 105 5.17 -4.31 -18.47
CA ASP A 105 5.92 -4.38 -17.22
C ASP A 105 5.37 -3.45 -16.14
N GLN A 106 4.92 -2.25 -16.55
CA GLN A 106 4.31 -1.27 -15.66
C GLN A 106 3.07 -1.85 -15.01
N ILE A 107 2.23 -2.52 -15.80
CA ILE A 107 0.99 -3.10 -15.32
C ILE A 107 1.25 -4.29 -14.44
N VAL A 108 2.23 -5.15 -14.80
CA VAL A 108 2.61 -6.30 -13.99
C VAL A 108 3.09 -5.82 -12.62
N LEU A 109 3.94 -4.79 -12.61
CA LEU A 109 4.45 -4.24 -11.35
C LEU A 109 3.38 -3.61 -10.49
N LEU A 110 2.44 -2.89 -11.11
CA LEU A 110 1.36 -2.25 -10.35
C LEU A 110 0.32 -3.26 -9.84
N LYS A 111 -0.06 -4.27 -10.66
CA LYS A 111 -1.01 -5.32 -10.25
C LYS A 111 -0.51 -6.09 -9.05
N ALA A 112 0.79 -6.44 -9.04
CA ALA A 112 1.39 -7.18 -7.94
C ALA A 112 1.78 -6.34 -6.71
N GLY A 113 2.18 -5.08 -6.92
CA GLY A 113 2.67 -4.27 -5.83
C GLY A 113 1.76 -3.22 -5.21
N ALA A 114 0.71 -2.75 -5.93
CA ALA A 114 -0.13 -1.65 -5.42
C ALA A 114 -0.77 -1.92 -4.07
N MET A 115 -1.36 -3.11 -3.87
CA MET A 115 -1.98 -3.46 -2.58
C MET A 115 -0.90 -3.48 -1.48
N GLU A 116 0.26 -4.01 -1.79
CA GLU A 116 1.37 -4.09 -0.85
C GLU A 116 1.85 -2.71 -0.45
N VAL A 117 1.99 -1.77 -1.44
CA VAL A 117 2.38 -0.39 -1.16
C VAL A 117 1.33 0.28 -0.26
N VAL A 118 0.03 0.09 -0.56
CA VAL A 118 -1.04 0.64 0.28
C VAL A 118 -0.96 0.05 1.73
N LEU A 119 -0.72 -1.26 1.83
CA LEU A 119 -0.60 -1.91 3.13
C LEU A 119 0.54 -1.32 3.97
N VAL A 120 1.69 -1.00 3.36
CA VAL A 120 2.82 -0.36 4.04
C VAL A 120 2.52 1.11 4.35
N ARG A 121 1.93 1.85 3.39
CA ARG A 121 1.57 3.26 3.58
C ARG A 121 0.56 3.44 4.72
N MET A 122 -0.31 2.45 4.95
CA MET A 122 -1.32 2.50 6.01
C MET A 122 -0.73 2.67 7.43
N CYS A 123 0.55 2.27 7.67
CA CYS A 123 1.15 2.38 8.99
C CYS A 123 1.25 3.83 9.47
N ARG A 124 1.26 4.83 8.57
CA ARG A 124 1.27 6.24 9.01
C ARG A 124 -0.06 6.62 9.71
N ALA A 125 -1.17 6.00 9.28
CA ALA A 125 -2.46 6.28 9.90
C ALA A 125 -2.86 5.24 10.94
N TYR A 126 -1.87 4.51 11.49
CA TYR A 126 -2.10 3.50 12.49
C TYR A 126 -1.47 3.96 13.82
N ASN A 127 -2.30 3.97 14.86
CA ASN A 127 -1.91 4.38 16.21
C ASN A 127 -1.71 3.13 17.06
N ALA A 128 -0.47 2.73 17.31
CA ALA A 128 -0.17 1.54 18.11
C ALA A 128 -0.57 1.66 19.61
N ASP A 129 -0.74 2.90 20.12
CA ASP A 129 -1.10 3.12 21.53
C ASP A 129 -2.51 2.63 21.87
N ASN A 130 -3.41 2.66 20.88
CA ASN A 130 -4.78 2.16 21.08
C ASN A 130 -5.21 1.13 20.01
N ARG A 131 -4.30 0.78 19.07
CA ARG A 131 -4.51 -0.15 17.96
C ARG A 131 -5.68 0.28 17.07
N THR A 132 -5.68 1.55 16.64
CA THR A 132 -6.73 2.12 15.79
C THR A 132 -6.13 2.65 14.48
N VAL A 133 -6.96 2.76 13.44
CA VAL A 133 -6.57 3.27 12.13
C VAL A 133 -7.44 4.46 11.75
N PHE A 134 -6.90 5.40 10.95
CA PHE A 134 -7.70 6.52 10.47
C PHE A 134 -8.59 5.98 9.35
N PHE A 135 -9.90 6.11 9.52
CA PHE A 135 -10.84 5.59 8.56
C PHE A 135 -12.03 6.51 8.56
N GLU A 136 -12.39 7.08 7.42
CA GLU A 136 -13.54 7.96 7.29
C GLU A 136 -13.60 9.08 8.35
N GLY A 137 -12.50 9.80 8.49
CA GLY A 137 -12.43 10.97 9.36
C GLY A 137 -12.11 10.80 10.81
N LYS A 138 -12.06 9.55 11.32
CA LYS A 138 -11.76 9.25 12.73
C LYS A 138 -11.01 7.91 12.88
N TYR A 139 -10.42 7.69 14.07
CA TYR A 139 -9.70 6.47 14.37
C TYR A 139 -10.64 5.40 14.93
N GLY A 140 -10.46 4.16 14.49
CA GLY A 140 -11.25 3.05 14.97
C GLY A 140 -10.46 1.75 14.95
N GLY A 141 -10.79 0.85 15.87
CA GLY A 141 -10.11 -0.43 15.95
C GLY A 141 -10.67 -1.46 14.97
N MET A 142 -10.17 -2.71 15.05
CA MET A 142 -10.56 -3.86 14.24
C MET A 142 -12.07 -4.07 14.21
N GLU A 143 -12.71 -3.88 15.38
CA GLU A 143 -14.14 -4.11 15.56
C GLU A 143 -15.02 -3.29 14.61
N LEU A 144 -14.48 -2.20 14.03
CA LEU A 144 -15.15 -1.34 13.05
C LEU A 144 -15.48 -2.13 11.76
N PHE A 145 -14.64 -3.13 11.40
CA PHE A 145 -14.76 -3.86 10.13
C PHE A 145 -15.45 -5.22 10.23
N ARG A 146 -16.14 -5.49 11.35
CA ARG A 146 -16.85 -6.76 11.58
C ARG A 146 -17.89 -7.15 10.50
N ALA A 147 -18.60 -6.18 9.90
CA ALA A 147 -19.59 -6.50 8.87
C ALA A 147 -18.98 -7.11 7.60
N LEU A 148 -17.64 -6.98 7.38
CA LEU A 148 -16.99 -7.56 6.19
C LEU A 148 -17.06 -9.08 6.16
N GLY A 149 -17.11 -9.71 7.32
CA GLY A 149 -17.13 -11.17 7.40
C GLY A 149 -15.78 -11.77 7.08
N CYS A 150 -14.70 -11.09 7.48
CA CYS A 150 -13.36 -11.62 7.28
C CYS A 150 -12.42 -11.22 8.44
N SER A 151 -12.71 -11.76 9.62
CA SER A 151 -11.95 -11.47 10.83
C SER A 151 -10.49 -11.85 10.73
N GLU A 152 -10.19 -12.99 10.09
CA GLU A 152 -8.80 -13.42 9.95
C GLU A 152 -7.99 -12.45 9.06
N LEU A 153 -8.57 -11.96 7.97
CA LEU A 153 -7.90 -10.98 7.11
C LEU A 153 -7.71 -9.62 7.86
N ILE A 154 -8.79 -9.11 8.53
CA ILE A 154 -8.72 -7.87 9.30
C ILE A 154 -7.61 -7.96 10.38
N SER A 155 -7.53 -9.10 11.10
CA SER A 155 -6.51 -9.34 12.12
C SER A 155 -5.09 -9.28 11.54
N SER A 156 -4.88 -9.94 10.40
CA SER A 156 -3.60 -9.99 9.71
C SER A 156 -3.16 -8.55 9.30
N ILE A 157 -4.10 -7.72 8.79
CA ILE A 157 -3.83 -6.34 8.40
C ILE A 157 -3.43 -5.52 9.61
N PHE A 158 -4.17 -5.66 10.70
CA PHE A 158 -3.88 -4.92 11.93
C PHE A 158 -2.51 -5.38 12.58
N ASP A 159 -2.18 -6.69 12.50
CA ASP A 159 -0.92 -7.24 13.03
C ASP A 159 0.24 -6.74 12.19
N PHE A 160 0.07 -6.71 10.87
CA PHE A 160 1.08 -6.22 9.95
C PHE A 160 1.37 -4.74 10.24
N SER A 161 0.33 -3.93 10.47
CA SER A 161 0.51 -2.53 10.79
C SER A 161 1.16 -2.33 12.12
N HIS A 162 0.80 -3.15 13.11
CA HIS A 162 1.38 -3.07 14.43
C HIS A 162 2.86 -3.40 14.38
N SER A 163 3.25 -4.42 13.63
CA SER A 163 4.65 -4.80 13.48
C SER A 163 5.46 -3.77 12.68
N LEU A 164 4.82 -3.01 11.75
CA LEU A 164 5.50 -1.95 11.00
C LEU A 164 5.71 -0.72 11.86
N SER A 165 4.74 -0.43 12.75
CA SER A 165 4.79 0.68 13.67
C SER A 165 5.92 0.51 14.69
N ALA A 166 6.29 -0.72 15.04
CA ALA A 166 7.41 -0.98 15.96
C ALA A 166 8.79 -0.56 15.36
N LEU A 167 8.87 -0.41 14.03
CA LEU A 167 10.08 0.05 13.37
C LEU A 167 10.24 1.58 13.40
N HIS A 168 9.15 2.34 13.69
CA HIS A 168 9.20 3.81 13.77
C HIS A 168 9.80 4.44 12.53
N PHE A 169 9.26 4.09 11.36
CA PHE A 169 9.77 4.59 10.10
C PHE A 169 9.71 6.09 10.01
N SER A 170 10.73 6.69 9.39
CA SER A 170 10.67 8.10 9.04
C SER A 170 10.00 8.11 7.64
N GLU A 171 9.51 9.28 7.20
CA GLU A 171 8.86 9.36 5.87
C GLU A 171 9.80 8.93 4.75
N ASP A 172 11.09 9.33 4.85
CA ASP A 172 12.11 8.95 3.88
C ASP A 172 12.28 7.43 3.81
N GLU A 173 12.20 6.73 4.95
CA GLU A 173 12.34 5.29 4.97
C GLU A 173 11.16 4.60 4.28
N ILE A 174 9.92 5.08 4.51
CA ILE A 174 8.72 4.53 3.85
C ILE A 174 8.80 4.80 2.34
N ALA A 175 9.33 5.96 1.93
CA ALA A 175 9.44 6.31 0.52
C ALA A 175 10.36 5.31 -0.19
N LEU A 176 11.51 5.03 0.42
CA LEU A 176 12.47 4.13 -0.15
C LEU A 176 12.05 2.65 -0.10
N TYR A 177 11.47 2.20 1.02
CA TYR A 177 10.99 0.84 1.19
C TYR A 177 9.80 0.56 0.24
N THR A 178 8.84 1.49 0.10
CA THR A 178 7.71 1.30 -0.81
C THR A 178 8.11 1.35 -2.28
N ALA A 179 9.18 2.09 -2.63
CA ALA A 179 9.68 2.09 -4.00
C ALA A 179 10.21 0.68 -4.36
N LEU A 180 10.86 0.01 -3.39
CA LEU A 180 11.40 -1.33 -3.52
C LEU A 180 10.31 -2.37 -3.53
N VAL A 181 9.21 -2.15 -2.76
CA VAL A 181 8.03 -3.06 -2.78
C VAL A 181 7.48 -3.12 -4.22
N LEU A 182 7.40 -1.96 -4.87
CA LEU A 182 6.92 -1.81 -6.22
C LEU A 182 7.92 -2.33 -7.27
N ILE A 183 9.18 -1.85 -7.26
CA ILE A 183 10.15 -2.24 -8.27
C ILE A 183 10.83 -3.56 -7.91
N ASN A 184 10.16 -4.67 -8.22
CA ASN A 184 10.57 -6.04 -7.93
C ASN A 184 10.79 -6.82 -9.27
N ALA A 185 12.05 -7.14 -9.61
CA ALA A 185 12.34 -7.88 -10.85
C ALA A 185 11.87 -9.35 -10.85
N HIS A 186 11.44 -9.88 -9.71
CA HIS A 186 10.98 -11.26 -9.59
C HIS A 186 9.51 -11.46 -9.93
N ARG A 187 8.72 -10.37 -10.12
CA ARG A 187 7.30 -10.51 -10.46
C ARG A 187 7.10 -11.32 -11.73
N PRO A 188 6.26 -12.36 -11.72
CA PRO A 188 6.04 -13.13 -12.95
C PRO A 188 5.33 -12.28 -14.00
N GLY A 189 5.75 -12.43 -15.25
CA GLY A 189 5.12 -11.75 -16.38
C GLY A 189 5.93 -10.62 -16.97
N LEU A 190 7.07 -10.29 -16.37
CA LEU A 190 7.93 -9.22 -16.83
C LEU A 190 8.64 -9.62 -18.09
N GLN A 191 8.48 -8.81 -19.12
CA GLN A 191 9.12 -9.04 -20.40
C GLN A 191 10.55 -8.55 -20.40
N GLU A 192 10.85 -7.42 -19.75
CA GLU A 192 12.23 -6.93 -19.66
C GLU A 192 12.71 -7.03 -18.20
N LYS A 193 12.93 -8.27 -17.72
CA LYS A 193 13.39 -8.62 -16.37
C LYS A 193 14.66 -7.86 -15.97
N ARG A 194 15.70 -7.87 -16.82
CA ARG A 194 16.98 -7.21 -16.57
C ARG A 194 16.85 -5.72 -16.37
N LYS A 195 15.96 -5.07 -17.12
CA LYS A 195 15.77 -3.63 -16.99
C LYS A 195 15.19 -3.28 -15.61
N VAL A 196 14.27 -4.13 -15.10
CA VAL A 196 13.67 -3.95 -13.77
C VAL A 196 14.71 -4.28 -12.67
N GLU A 197 15.59 -5.26 -12.92
CA GLU A 197 16.66 -5.70 -12.03
C GLU A 197 17.62 -4.57 -11.78
N GLN A 198 17.98 -3.79 -12.81
CA GLN A 198 18.89 -2.65 -12.66
C GLN A 198 18.22 -1.56 -11.81
N LEU A 199 16.96 -1.23 -12.11
CA LEU A 199 16.15 -0.26 -11.37
C LEU A 199 16.07 -0.67 -9.88
N GLN A 200 15.73 -1.94 -9.60
CA GLN A 200 15.63 -2.48 -8.26
C GLN A 200 16.97 -2.37 -7.52
N TYR A 201 18.07 -2.69 -8.19
CA TYR A 201 19.39 -2.64 -7.61
C TYR A 201 19.77 -1.20 -7.23
N ASN A 202 19.47 -0.23 -8.11
CA ASN A 202 19.77 1.16 -7.80
C ASN A 202 19.00 1.66 -6.59
N LEU A 203 17.71 1.21 -6.44
CA LEU A 203 16.86 1.57 -5.30
C LEU A 203 17.29 0.82 -4.05
N GLU A 204 17.82 -0.38 -4.17
CA GLU A 204 18.31 -1.15 -3.02
C GLU A 204 19.53 -0.38 -2.46
N LEU A 205 20.45 0.03 -3.34
CA LEU A 205 21.62 0.82 -2.97
C LEU A 205 21.21 2.14 -2.31
N ALA A 206 20.24 2.86 -2.91
CA ALA A 206 19.79 4.13 -2.37
C ALA A 206 19.18 3.96 -0.98
N PHE A 207 18.38 2.91 -0.79
CA PHE A 207 17.76 2.62 0.52
C PHE A 207 18.83 2.26 1.56
N HIS A 208 19.72 1.33 1.24
CA HIS A 208 20.76 0.89 2.17
C HIS A 208 21.73 2.02 2.48
N HIS A 209 22.07 2.84 1.48
CA HIS A 209 22.95 4.00 1.66
C HIS A 209 22.30 4.97 2.64
N HIS A 210 21.02 5.28 2.45
CA HIS A 210 20.28 6.15 3.35
C HIS A 210 20.27 5.59 4.78
N LEU A 211 20.02 4.28 4.94
CA LEU A 211 20.08 3.62 6.26
C LEU A 211 21.49 3.70 6.90
N CYS A 212 22.53 3.57 6.08
CA CYS A 212 23.90 3.63 6.56
C CYS A 212 24.23 5.05 7.09
N LYS A 213 23.95 6.07 6.29
CA LYS A 213 24.20 7.48 6.56
C LYS A 213 23.40 7.99 7.77
N THR A 214 22.20 7.43 7.99
CA THR A 214 21.37 7.84 9.14
C THR A 214 21.47 6.92 10.35
N HIS A 215 22.37 5.92 10.34
CA HIS A 215 22.58 4.98 11.45
C HIS A 215 21.32 4.19 11.78
N ARG A 216 20.64 3.72 10.73
CA ARG A 216 19.39 3.00 10.84
C ARG A 216 19.43 1.62 10.19
N GLN A 217 20.64 1.06 9.91
CA GLN A 217 20.78 -0.28 9.31
C GLN A 217 20.20 -1.41 10.21
N SER A 218 19.93 -1.12 11.50
CA SER A 218 19.37 -2.11 12.41
C SER A 218 17.96 -2.55 12.01
N ILE A 219 17.21 -1.71 11.26
CA ILE A 219 15.88 -2.08 10.81
C ILE A 219 15.88 -3.16 9.75
N LEU A 220 17.00 -3.37 9.02
CA LEU A 220 17.03 -4.34 7.93
C LEU A 220 16.60 -5.74 8.35
N ALA A 221 17.10 -6.18 9.51
CA ALA A 221 16.80 -7.46 10.12
C ALA A 221 15.33 -7.56 10.57
N LYS A 222 14.80 -6.45 11.09
CA LYS A 222 13.45 -6.41 11.63
C LYS A 222 12.34 -6.09 10.60
N LEU A 223 12.69 -5.96 9.32
CA LEU A 223 11.70 -5.73 8.27
C LEU A 223 10.88 -7.01 8.07
N PRO A 224 9.60 -6.90 7.64
CA PRO A 224 8.79 -8.13 7.48
C PRO A 224 9.30 -9.02 6.35
N PRO A 225 9.14 -10.34 6.49
CA PRO A 225 9.55 -11.23 5.38
C PRO A 225 8.71 -10.94 4.13
N LYS A 226 9.29 -11.05 2.90
CA LYS A 226 8.52 -10.73 1.68
C LYS A 226 7.24 -11.59 1.51
N GLY A 227 7.21 -12.76 2.16
CA GLY A 227 6.07 -13.66 2.16
C GLY A 227 4.89 -13.16 2.97
N LYS A 228 5.13 -12.29 3.94
CA LYS A 228 4.05 -11.73 4.76
C LYS A 228 3.10 -10.84 3.92
N LEU A 229 3.67 -10.00 3.04
CA LEU A 229 2.91 -9.12 2.14
C LEU A 229 2.15 -9.95 1.09
N ARG A 230 2.78 -11.04 0.63
CA ARG A 230 2.25 -12.00 -0.33
C ARG A 230 1.03 -12.72 0.28
N SER A 231 1.11 -13.08 1.56
CA SER A 231 0.03 -13.76 2.27
C SER A 231 -1.21 -12.85 2.46
N LEU A 232 -1.00 -11.56 2.80
CA LEU A 232 -2.10 -10.61 2.99
C LEU A 232 -2.85 -10.38 1.69
N CYS A 233 -2.13 -10.34 0.57
CA CYS A 233 -2.70 -10.14 -0.74
C CYS A 233 -3.48 -11.32 -1.23
N SER A 234 -2.99 -12.53 -0.99
CA SER A 234 -3.74 -13.72 -1.39
C SER A 234 -4.99 -13.90 -0.55
N GLN A 235 -4.94 -13.53 0.75
CA GLN A 235 -6.12 -13.56 1.61
C GLN A 235 -7.16 -12.58 1.09
N HIS A 236 -6.72 -11.40 0.66
CA HIS A 236 -7.62 -10.40 0.11
C HIS A 236 -8.31 -10.92 -1.16
N VAL A 237 -7.53 -11.45 -2.12
CA VAL A 237 -8.07 -12.02 -3.37
C VAL A 237 -9.02 -13.22 -3.11
N GLU A 238 -8.68 -14.12 -2.16
CA GLU A 238 -9.54 -15.26 -1.82
C GLU A 238 -10.85 -14.85 -1.12
N ARG A 239 -10.80 -13.82 -0.26
CA ARG A 239 -12.01 -13.37 0.41
C ARG A 239 -12.93 -12.60 -0.56
N LEU A 240 -12.35 -11.92 -1.55
CA LEU A 240 -13.10 -11.25 -2.59
C LEU A 240 -13.80 -12.29 -3.47
N GLN A 241 -13.15 -13.42 -3.77
CA GLN A 241 -13.77 -14.46 -4.59
C GLN A 241 -15.02 -15.02 -3.87
N ILE A 242 -14.94 -15.18 -2.53
CA ILE A 242 -16.06 -15.61 -1.66
C ILE A 242 -17.22 -14.59 -1.75
N PHE A 243 -16.91 -13.30 -1.62
CA PHE A 243 -17.90 -12.23 -1.71
C PHE A 243 -18.54 -12.17 -3.10
N GLN A 244 -17.73 -12.27 -4.16
CA GLN A 244 -18.25 -12.17 -5.52
C GLN A 244 -19.12 -13.34 -5.89
N HIS A 245 -18.83 -14.55 -5.35
CA HIS A 245 -19.65 -15.72 -5.65
C HIS A 245 -21.06 -15.55 -5.00
N LEU A 246 -21.14 -14.87 -3.85
CA LEU A 246 -22.41 -14.66 -3.17
C LEU A 246 -23.14 -13.39 -3.61
N HIS A 247 -22.41 -12.39 -4.12
CA HIS A 247 -22.99 -11.13 -4.57
C HIS A 247 -22.37 -10.67 -5.91
N PRO A 248 -22.55 -11.45 -7.00
CA PRO A 248 -21.93 -11.05 -8.27
C PRO A 248 -22.46 -9.75 -8.89
N ILE A 249 -23.76 -9.44 -8.71
CA ILE A 249 -24.31 -8.20 -9.28
C ILE A 249 -23.77 -6.98 -8.54
N VAL A 250 -23.58 -7.08 -7.22
CA VAL A 250 -23.03 -5.99 -6.44
C VAL A 250 -21.64 -5.59 -6.94
N VAL A 251 -20.76 -6.58 -7.18
CA VAL A 251 -19.39 -6.35 -7.68
C VAL A 251 -19.44 -5.71 -9.09
N GLN A 252 -20.31 -6.23 -9.95
CA GLN A 252 -20.45 -5.73 -11.31
C GLN A 252 -21.02 -4.30 -11.33
N ALA A 253 -22.10 -4.04 -10.59
CA ALA A 253 -22.75 -2.73 -10.57
C ALA A 253 -22.14 -1.65 -9.65
N ALA A 254 -21.58 -2.00 -8.48
CA ALA A 254 -21.13 -0.96 -7.53
C ALA A 254 -19.66 -1.01 -7.11
N PHE A 255 -18.84 -1.99 -7.56
CA PHE A 255 -17.41 -2.00 -7.20
C PHE A 255 -16.66 -1.16 -8.20
N PRO A 256 -15.65 -0.38 -7.79
CA PRO A 256 -14.92 0.45 -8.74
C PRO A 256 -14.26 -0.36 -9.86
N PRO A 257 -14.35 0.14 -11.10
CA PRO A 257 -13.71 -0.55 -12.23
C PRO A 257 -12.22 -0.88 -12.02
N LEU A 258 -11.41 0.09 -11.54
CA LEU A 258 -9.99 -0.14 -11.29
C LEU A 258 -9.79 -1.30 -10.27
N TYR A 259 -10.67 -1.42 -9.25
CA TYR A 259 -10.60 -2.49 -8.24
C TYR A 259 -10.84 -3.86 -8.88
N LYS A 260 -11.83 -3.98 -9.78
CA LYS A 260 -12.10 -5.28 -10.45
C LYS A 260 -10.94 -5.64 -11.41
N GLU A 261 -10.35 -4.63 -12.06
CA GLU A 261 -9.22 -4.85 -12.94
C GLU A 261 -8.04 -5.42 -12.14
N LEU A 262 -7.71 -4.81 -11.00
CA LEU A 262 -6.60 -5.29 -10.19
C LEU A 262 -6.87 -6.57 -9.44
N PHE A 263 -8.05 -6.74 -8.87
CA PHE A 263 -8.32 -7.88 -7.97
C PHE A 263 -9.32 -8.93 -8.39
N SER A 264 -10.27 -8.59 -9.26
CA SER A 264 -11.31 -9.54 -9.62
C SER A 264 -10.85 -10.62 -10.61
N LYS A 277 -7.61 -0.40 -20.80
CA LYS A 277 -8.23 -0.60 -19.47
C LYS A 277 -8.17 0.71 -18.60
N ILE A 278 -8.45 0.63 -17.27
CA ILE A 278 -8.37 1.80 -16.39
C ILE A 278 -6.90 2.12 -16.14
N LEU A 279 -6.10 1.08 -15.87
CA LEU A 279 -4.68 1.22 -15.63
C LEU A 279 -3.95 1.86 -16.80
N HIS A 280 -4.34 1.51 -18.03
CA HIS A 280 -3.70 2.09 -19.22
C HIS A 280 -3.98 3.60 -19.32
N ARG A 281 -5.21 4.00 -18.99
CA ARG A 281 -5.63 5.40 -18.99
C ARG A 281 -4.85 6.20 -17.93
N LEU A 282 -4.69 5.62 -16.73
CA LEU A 282 -3.94 6.27 -15.66
C LEU A 282 -2.46 6.41 -16.00
N LEU A 283 -1.90 5.41 -16.69
CA LEU A 283 -0.49 5.43 -17.06
C LEU A 283 -0.16 6.32 -18.27
N GLN A 284 -1.16 6.92 -18.92
CA GLN A 284 -0.94 7.79 -20.07
C GLN A 284 -1.45 9.19 -19.78
N GLU A 285 -0.62 10.03 -19.14
CA GLU A 285 -1.03 11.40 -18.81
C GLU A 285 0.17 12.36 -18.80
C1 YDY B . -9.53 -3.69 2.31
C2 YDY B . -10.35 -2.63 1.97
C3 YDY B . -9.96 -1.35 2.32
C4 YDY B . -8.77 -1.15 2.98
C5 YDY B . -7.98 -2.29 3.26
C7 YDY B . -8.32 0.23 3.45
C8 YDY B . -6.79 0.33 3.89
C9 YDY B . -5.93 -0.88 3.53
N6 YDY B . -8.35 -3.52 2.93
C10 YDY B . -6.64 -2.16 3.93
C11 YDY B . -8.47 1.24 2.28
C12 YDY B . -7.05 1.69 1.93
C13 YDY B . -6.31 1.65 3.26
C14 YDY B . -9.88 -5.15 2.06
F15 YDY B . -8.80 -5.86 1.57
S16 YDY B . -9.46 0.63 4.83
C17 YDY B . -9.19 -0.67 5.99
O18 YDY B . -9.03 1.87 5.43
O19 YDY B . -10.81 0.54 4.35
C20 YDY B . -9.90 -1.85 5.87
C21 YDY B . -9.63 -2.90 6.71
C22 YDY B . -8.67 -2.73 7.68
C23 YDY B . -7.97 -1.57 7.84
C24 YDY B . -8.24 -0.52 6.99
F25 YDY B . -8.37 -3.78 8.49
N26 YDY B . -6.61 2.80 4.09
C27 YDY B . -5.78 3.82 4.26
C28 YDY B . -6.28 4.97 5.15
O29 YDY B . -4.67 3.88 3.75
C30 YDY B . -5.22 5.23 6.22
C31 YDY B . -6.50 6.16 4.19
O32 YDY B . -7.51 4.61 5.80
S33 YDY B . -6.69 7.79 4.87
O34 YDY B . -7.43 7.68 6.10
C35 YDY B . -5.06 8.31 5.23
O36 YDY B . -7.25 8.63 3.84
C37 YDY B . -10.21 -5.84 3.40
C38 YDY B . -11.01 -5.36 1.03
F39 YDY B . -9.12 -6.01 4.15
F40 YDY B . -10.77 -7.02 3.23
F41 YDY B . -11.06 -5.09 4.12
F42 YDY B . -12.20 -4.97 1.52
F43 YDY B . -10.80 -4.65 -0.09
F44 YDY B . -11.13 -6.64 0.67
H45 YDY B . -11.30 -2.74 1.45
H46 YDY B . -10.62 -0.53 2.05
H47 YDY B . -6.76 0.39 4.99
H48 YDY B . -4.96 -0.82 4.01
H49 YDY B . -5.72 -0.89 2.46
H50 YDY B . -6.01 -3.02 3.71
H51 YDY B . -6.80 -2.19 5.00
H52 YDY B . -8.97 0.83 1.42
H53 YDY B . -9.08 2.10 2.58
H55 YDY B . -7.02 2.67 1.45
H54 YDY B . -6.59 1.01 1.21
H56 YDY B . -5.23 1.60 3.10
H57 YDY B . -10.66 -1.96 5.09
H58 YDY B . -10.17 -3.85 6.62
H59 YDY B . -7.23 -1.46 8.63
H60 YDY B . -7.69 0.42 7.10
H61 YDY B . -7.52 2.79 4.55
H64 YDY B . -5.53 5.95 6.97
H63 YDY B . -4.30 5.60 5.78
H62 YDY B . -4.98 4.32 6.75
H65 YDY B . -5.70 6.13 3.44
H66 YDY B . -7.37 5.91 3.58
H67 YDY B . -7.30 4.22 6.69
H70 YDY B . -4.87 9.36 4.99
H68 YDY B . -4.25 7.79 4.73
H69 YDY B . -4.79 8.24 6.28
#